data_1P8V
#
_entry.id   1P8V
#
_cell.length_a   47.095
_cell.length_b   111.770
_cell.length_c   176.251
_cell.angle_alpha   90.00
_cell.angle_beta   90.00
_cell.angle_gamma   90.00
#
_symmetry.space_group_name_H-M   'P 21 21 21'
#
loop_
_entity.id
_entity.type
_entity.pdbx_description
1 polymer 'Platelet glycoprotein Ib alpha chain'
2 polymer Prothrombin
3 polymer Prothrombin
4 non-polymer '2-(N-MORPHOLINO)-ETHANESULFONIC ACID'
5 non-polymer 2-acetamido-2-deoxy-beta-D-glucopyranose
6 non-polymer 'DIISOPROPYL PHOSPHONATE'
7 water water
#
loop_
_entity_poly.entity_id
_entity_poly.type
_entity_poly.pdbx_seq_one_letter_code
_entity_poly.pdbx_strand_id
1 'polypeptide(L)'
;HPICEVSKVASHLEVNCDKRDLTALPPDLPKDTTILHLSENLLYTFSLATLMPYTRLTQLNLDRCELTKLQVDGTLPVLG
TLDLSHNQLQSLPLLGQTLPALTVLDVSFNRLTSLPLGALRGLGELQELYLKGNELKTLPPGLLTPTPKLEKLSLANNNL
TELPAGLLNGLENLDTLLLQENSLYTIPKGFFGSHLLPFAFLHGNPWLCNCEILYFRRWLQDNAENVYVWKQGVDVKAMT
SNVASVQCDNSDKFPVYKYPGKGCPTLGDEGDTDL(TYS)DY(TYS)
;
A
2 'polypeptide(L)' EADCGLRPLFEKKSLEDKTERELLESYID B
3 'polypeptide(L)'
;IVEGSDAEIGMSPWQVMLFRKSPQELLCGASLISDRWVLTAAHCLLYPPWDKNFTENDLLVRIGKHSRTRYERNIEKISM
LEKIYIHPRYNWRENLDRDIALMKLKKPVAFSDYIHPVCLPDRETAASLLQAGYKGRVTGWGNLKETWTANVGKGQPSVL
QVVNLPIVERPVCKDSTRIRITDNMFCAGYKPDEGKRGDACEGDSGGPFVMKSPFNNRWYQMGIVSWGEGCDRDGKYGFY
THVFRLKKWIQKVIDQFGE
;
C
#
# COMPACT_ATOMS: atom_id res chain seq x y z
N HIS A 1 25.59 -17.32 -36.58
CA HIS A 1 25.94 -17.99 -35.29
C HIS A 1 25.99 -19.52 -35.50
N PRO A 2 26.78 -20.23 -34.67
CA PRO A 2 26.93 -21.69 -34.74
C PRO A 2 25.76 -22.52 -34.19
N ILE A 3 25.10 -22.03 -33.15
CA ILE A 3 24.02 -22.77 -32.53
C ILE A 3 22.61 -22.25 -32.79
N CYS A 4 22.45 -20.92 -32.80
CA CYS A 4 21.14 -20.33 -33.02
C CYS A 4 21.04 -19.67 -34.38
N GLU A 5 19.81 -19.59 -34.87
CA GLU A 5 19.51 -18.98 -36.15
C GLU A 5 19.31 -17.46 -35.95
N VAL A 6 20.11 -16.66 -36.65
CA VAL A 6 20.04 -15.21 -36.56
C VAL A 6 19.33 -14.63 -37.79
N SER A 7 18.25 -13.89 -37.55
CA SER A 7 17.47 -13.30 -38.65
C SER A 7 17.32 -11.80 -38.46
N LYS A 8 17.00 -11.11 -39.56
CA LYS A 8 16.81 -9.67 -39.51
C LYS A 8 15.42 -9.31 -39.99
N VAL A 9 14.51 -9.11 -39.05
CA VAL A 9 13.13 -8.76 -39.37
C VAL A 9 12.93 -7.26 -39.14
N ALA A 10 12.96 -6.48 -40.22
CA ALA A 10 12.83 -5.03 -40.15
C ALA A 10 14.10 -4.54 -39.47
N SER A 11 13.97 -3.67 -38.46
CA SER A 11 15.16 -3.17 -37.76
C SER A 11 15.57 -4.10 -36.63
N HIS A 12 14.78 -5.14 -36.40
CA HIS A 12 15.07 -6.11 -35.35
C HIS A 12 16.05 -7.20 -35.81
N LEU A 13 16.86 -7.68 -34.87
CA LEU A 13 17.79 -8.76 -35.10
C LEU A 13 17.26 -9.85 -34.15
N GLU A 14 16.52 -10.78 -34.73
CA GLU A 14 15.90 -11.85 -33.97
C GLU A 14 16.71 -13.14 -33.91
N VAL A 15 17.27 -13.44 -32.75
CA VAL A 15 18.07 -14.63 -32.55
C VAL A 15 17.16 -15.74 -32.00
N ASN A 16 17.14 -16.87 -32.70
CA ASN A 16 16.28 -17.97 -32.30
C ASN A 16 17.06 -19.18 -31.82
N CYS A 17 16.96 -19.49 -30.53
CA CYS A 17 17.64 -20.66 -29.98
C CYS A 17 16.60 -21.64 -29.43
N ASP A 18 15.47 -21.75 -30.11
CA ASP A 18 14.41 -22.67 -29.69
C ASP A 18 14.80 -24.13 -29.91
N LYS A 19 14.25 -25.00 -29.09
CA LYS A 19 14.47 -26.45 -29.18
C LYS A 19 15.85 -26.84 -29.70
N ARG A 20 16.88 -26.73 -28.86
CA ARG A 20 18.23 -27.09 -29.25
C ARG A 20 18.86 -27.81 -28.07
N ASP A 21 18.03 -28.41 -27.24
CA ASP A 21 18.49 -29.13 -26.07
C ASP A 21 19.61 -28.37 -25.37
N LEU A 22 19.35 -27.09 -25.10
CA LEU A 22 20.33 -26.25 -24.44
C LEU A 22 20.11 -26.32 -22.93
N THR A 23 21.19 -26.24 -22.17
CA THR A 23 21.06 -26.27 -20.72
C THR A 23 21.65 -24.98 -20.16
N ALA A 24 22.03 -24.08 -21.07
CA ALA A 24 22.59 -22.80 -20.69
C ALA A 24 22.56 -21.81 -21.85
N LEU A 25 22.80 -20.53 -21.54
CA LEU A 25 22.82 -19.49 -22.55
C LEU A 25 24.03 -19.67 -23.48
N PRO A 26 23.79 -19.84 -24.78
CA PRO A 26 24.85 -20.02 -25.78
C PRO A 26 25.82 -18.85 -25.76
N PRO A 27 27.13 -19.14 -25.76
CA PRO A 27 28.16 -18.10 -25.73
C PRO A 27 28.31 -17.38 -27.08
N ASP A 28 28.70 -16.11 -27.02
CA ASP A 28 28.92 -15.29 -28.20
C ASP A 28 27.72 -15.17 -29.13
N LEU A 29 26.68 -14.48 -28.68
CA LEU A 29 25.51 -14.28 -29.51
C LEU A 29 25.67 -12.91 -30.15
N PRO A 30 24.93 -12.64 -31.24
CA PRO A 30 25.07 -11.35 -31.89
C PRO A 30 25.00 -10.24 -30.86
N LYS A 31 26.00 -9.36 -30.88
CA LYS A 31 26.09 -8.24 -29.95
C LYS A 31 24.87 -7.32 -30.07
N ASP A 32 24.28 -7.28 -31.27
CA ASP A 32 23.13 -6.41 -31.51
C ASP A 32 21.77 -7.10 -31.39
N THR A 33 21.72 -8.22 -30.68
CA THR A 33 20.48 -8.95 -30.50
C THR A 33 19.40 -8.11 -29.82
N THR A 34 18.21 -8.04 -30.42
CA THR A 34 17.11 -7.29 -29.84
C THR A 34 15.97 -8.22 -29.38
N ILE A 35 15.85 -9.37 -30.04
CA ILE A 35 14.84 -10.37 -29.72
C ILE A 35 15.51 -11.72 -29.50
N LEU A 36 15.29 -12.31 -28.33
CA LEU A 36 15.90 -13.61 -28.02
C LEU A 36 14.89 -14.69 -27.62
N HIS A 37 14.92 -15.80 -28.36
CA HIS A 37 14.03 -16.94 -28.14
C HIS A 37 14.80 -18.14 -27.56
N LEU A 38 14.54 -18.48 -26.31
CA LEU A 38 15.20 -19.62 -25.67
C LEU A 38 14.15 -20.65 -25.27
N SER A 39 12.99 -20.58 -25.91
CA SER A 39 11.87 -21.48 -25.63
C SER A 39 12.14 -22.95 -25.95
N GLU A 40 11.55 -23.82 -25.13
CA GLU A 40 11.65 -25.26 -25.31
C GLU A 40 13.06 -25.84 -25.08
N ASN A 41 13.73 -25.39 -24.02
CA ASN A 41 15.07 -25.88 -23.68
C ASN A 41 15.08 -26.42 -22.25
N LEU A 42 16.19 -27.00 -21.82
CA LEU A 42 16.28 -27.54 -20.47
C LEU A 42 17.14 -26.69 -19.55
N LEU A 43 16.72 -25.45 -19.32
CA LEU A 43 17.47 -24.53 -18.46
C LEU A 43 16.76 -24.46 -17.11
N TYR A 44 16.93 -25.50 -16.30
CA TYR A 44 16.27 -25.53 -15.01
C TYR A 44 16.42 -24.23 -14.21
N THR A 45 17.49 -23.50 -14.47
CA THR A 45 17.74 -22.21 -13.81
C THR A 45 18.33 -21.22 -14.82
N PHE A 46 18.05 -19.94 -14.64
CA PHE A 46 18.56 -18.91 -15.54
C PHE A 46 18.86 -17.64 -14.74
N SER A 47 19.91 -16.94 -15.14
CA SER A 47 20.31 -15.71 -14.47
C SER A 47 20.30 -14.54 -15.45
N LEU A 48 19.36 -13.61 -15.24
CA LEU A 48 19.22 -12.46 -16.13
C LEU A 48 20.52 -11.67 -16.34
N ALA A 49 21.39 -11.68 -15.33
CA ALA A 49 22.64 -10.96 -15.42
C ALA A 49 23.46 -11.39 -16.65
N THR A 50 23.33 -12.65 -17.05
CA THR A 50 24.06 -13.17 -18.20
C THR A 50 23.68 -12.53 -19.52
N LEU A 51 22.62 -11.73 -19.52
CA LEU A 51 22.16 -11.05 -20.73
C LEU A 51 22.60 -9.60 -20.80
N MET A 52 23.22 -9.11 -19.73
CA MET A 52 23.67 -7.72 -19.72
C MET A 52 24.59 -7.36 -20.88
N PRO A 53 25.40 -8.32 -21.37
CA PRO A 53 26.29 -7.99 -22.49
C PRO A 53 25.53 -7.58 -23.75
N TYR A 54 24.22 -7.83 -23.78
CA TYR A 54 23.37 -7.51 -24.92
C TYR A 54 22.48 -6.31 -24.61
N THR A 55 23.11 -5.13 -24.64
CA THR A 55 22.48 -3.87 -24.32
C THR A 55 21.32 -3.37 -25.20
N ARG A 56 20.97 -4.11 -26.25
CA ARG A 56 19.84 -3.71 -27.09
C ARG A 56 18.69 -4.70 -26.96
N LEU A 57 18.84 -5.68 -26.05
CA LEU A 57 17.81 -6.71 -25.86
C LEU A 57 16.46 -6.14 -25.47
N THR A 58 15.49 -6.30 -26.35
CA THR A 58 14.16 -5.77 -26.12
C THR A 58 13.06 -6.80 -25.80
N GLN A 59 13.26 -8.05 -26.20
CA GLN A 59 12.27 -9.11 -25.95
C GLN A 59 12.95 -10.42 -25.60
N LEU A 60 12.49 -11.05 -24.51
CA LEU A 60 13.07 -12.32 -24.06
C LEU A 60 12.02 -13.39 -23.76
N ASN A 61 12.13 -14.54 -24.45
CA ASN A 61 11.21 -15.65 -24.24
C ASN A 61 11.92 -16.81 -23.55
N LEU A 62 11.48 -17.17 -22.35
CA LEU A 62 12.07 -18.27 -21.59
C LEU A 62 11.00 -19.30 -21.24
N ASP A 63 9.95 -19.36 -22.04
CA ASP A 63 8.84 -20.28 -21.81
C ASP A 63 9.16 -21.73 -22.16
N ARG A 64 8.52 -22.65 -21.44
CA ARG A 64 8.72 -24.07 -21.68
C ARG A 64 10.19 -24.48 -21.51
N CYS A 65 10.84 -24.00 -20.44
CA CYS A 65 12.24 -24.30 -20.19
C CYS A 65 12.51 -25.01 -18.87
N GLU A 66 11.47 -25.60 -18.29
CA GLU A 66 11.60 -26.33 -17.02
C GLU A 66 12.14 -25.45 -15.90
N LEU A 67 11.94 -24.14 -16.02
CA LEU A 67 12.43 -23.20 -15.00
C LEU A 67 11.85 -23.41 -13.62
N THR A 68 12.73 -23.48 -12.62
CA THR A 68 12.29 -23.63 -11.22
C THR A 68 12.93 -22.53 -10.41
N LYS A 69 13.90 -21.85 -11.00
CA LYS A 69 14.60 -20.75 -10.34
C LYS A 69 15.08 -19.72 -11.34
N LEU A 70 14.67 -18.47 -11.15
CA LEU A 70 15.09 -17.39 -12.03
C LEU A 70 15.85 -16.39 -11.18
N GLN A 71 17.15 -16.30 -11.42
CA GLN A 71 18.02 -15.40 -10.69
C GLN A 71 17.86 -13.97 -11.24
N VAL A 72 17.65 -13.01 -10.34
CA VAL A 72 17.45 -11.63 -10.78
C VAL A 72 18.47 -10.63 -10.24
N ASP A 73 19.57 -10.45 -10.96
CA ASP A 73 20.64 -9.51 -10.57
C ASP A 73 20.87 -8.58 -11.74
N GLY A 74 21.64 -7.52 -11.51
CA GLY A 74 21.92 -6.56 -12.56
C GLY A 74 20.70 -5.88 -13.13
N THR A 75 20.81 -5.44 -14.38
CA THR A 75 19.68 -4.77 -15.02
C THR A 75 19.73 -4.83 -16.54
N LEU A 76 18.54 -5.01 -17.13
CA LEU A 76 18.37 -5.02 -18.57
C LEU A 76 17.56 -3.74 -18.80
N PRO A 77 18.26 -2.61 -19.01
CA PRO A 77 17.69 -1.27 -19.24
C PRO A 77 16.56 -1.08 -20.24
N VAL A 78 16.45 -1.94 -21.24
CA VAL A 78 15.37 -1.77 -22.21
C VAL A 78 14.53 -3.00 -22.49
N LEU A 79 14.63 -4.03 -21.67
CA LEU A 79 13.80 -5.21 -21.90
C LEU A 79 12.34 -4.81 -21.68
N GLY A 80 11.51 -4.95 -22.72
CA GLY A 80 10.12 -4.59 -22.58
C GLY A 80 9.17 -5.77 -22.46
N THR A 81 9.59 -6.92 -22.96
CA THR A 81 8.76 -8.13 -22.92
C THR A 81 9.48 -9.33 -22.31
N LEU A 82 8.83 -10.00 -21.36
CA LEU A 82 9.37 -11.19 -20.74
C LEU A 82 8.30 -12.28 -20.68
N ASP A 83 8.62 -13.44 -21.24
CA ASP A 83 7.70 -14.58 -21.24
C ASP A 83 8.32 -15.68 -20.40
N LEU A 84 7.70 -15.96 -19.26
CA LEU A 84 8.16 -17.00 -18.35
C LEU A 84 7.08 -18.06 -18.25
N SER A 85 6.11 -18.01 -19.15
CA SER A 85 5.00 -18.96 -19.09
C SER A 85 5.42 -20.40 -19.32
N HIS A 86 4.59 -21.32 -18.82
CA HIS A 86 4.83 -22.75 -18.96
C HIS A 86 6.15 -23.20 -18.37
N ASN A 87 6.33 -22.97 -17.08
CA ASN A 87 7.54 -23.38 -16.38
C ASN A 87 7.16 -23.96 -15.02
N GLN A 88 8.14 -24.13 -14.15
CA GLN A 88 7.88 -24.72 -12.85
C GLN A 88 8.19 -23.78 -11.67
N LEU A 89 7.97 -22.49 -11.85
CA LEU A 89 8.22 -21.51 -10.81
C LEU A 89 7.20 -21.58 -9.68
N GLN A 90 7.69 -21.66 -8.44
CA GLN A 90 6.83 -21.73 -7.28
C GLN A 90 6.66 -20.39 -6.56
N SER A 91 7.53 -19.43 -6.87
CA SER A 91 7.42 -18.11 -6.28
C SER A 91 7.67 -17.08 -7.38
N LEU A 92 7.02 -15.92 -7.27
CA LEU A 92 7.16 -14.88 -8.28
C LEU A 92 8.49 -14.14 -8.20
N PRO A 93 9.21 -14.07 -9.31
CA PRO A 93 10.51 -13.36 -9.32
C PRO A 93 10.25 -11.86 -9.10
N LEU A 94 11.08 -11.20 -8.30
CA LEU A 94 10.92 -9.77 -8.08
C LEU A 94 11.75 -9.09 -9.18
N LEU A 95 11.05 -8.57 -10.20
CA LEU A 95 11.72 -7.98 -11.36
C LEU A 95 11.89 -6.46 -11.37
N GLY A 96 11.20 -5.78 -10.47
CA GLY A 96 11.24 -4.33 -10.41
C GLY A 96 12.58 -3.61 -10.49
N GLN A 97 13.58 -4.10 -9.76
CA GLN A 97 14.87 -3.43 -9.79
C GLN A 97 15.82 -3.90 -10.88
N THR A 98 15.36 -4.82 -11.74
CA THR A 98 16.20 -5.32 -12.81
C THR A 98 15.64 -5.01 -14.20
N LEU A 99 14.32 -4.87 -14.28
CA LEU A 99 13.66 -4.60 -15.56
C LEU A 99 12.76 -3.35 -15.46
N PRO A 100 13.34 -2.16 -15.39
CA PRO A 100 12.62 -0.88 -15.29
C PRO A 100 11.68 -0.55 -16.45
N ALA A 101 11.97 -1.08 -17.64
CA ALA A 101 11.17 -0.80 -18.82
C ALA A 101 10.16 -1.87 -19.22
N LEU A 102 9.99 -2.87 -18.36
CA LEU A 102 9.07 -3.96 -18.66
C LEU A 102 7.65 -3.44 -18.89
N THR A 103 7.03 -3.83 -20.00
CA THR A 103 5.65 -3.41 -20.28
C THR A 103 4.70 -4.62 -20.41
N VAL A 104 5.27 -5.80 -20.66
CA VAL A 104 4.48 -7.02 -20.79
C VAL A 104 5.15 -8.15 -20.02
N LEU A 105 4.42 -8.72 -19.05
CA LEU A 105 4.95 -9.80 -18.22
C LEU A 105 4.03 -11.00 -18.22
N ASP A 106 4.55 -12.16 -18.65
CA ASP A 106 3.76 -13.38 -18.71
C ASP A 106 4.35 -14.48 -17.81
N VAL A 107 3.62 -14.87 -16.76
CA VAL A 107 4.10 -15.94 -15.89
C VAL A 107 2.99 -16.97 -15.72
N SER A 108 2.22 -17.16 -16.80
CA SER A 108 1.12 -18.10 -16.85
C SER A 108 1.59 -19.56 -16.85
N PHE A 109 0.74 -20.44 -16.32
CA PHE A 109 1.03 -21.87 -16.26
C PHE A 109 2.34 -22.23 -15.58
N ASN A 110 2.44 -21.83 -14.32
CA ASN A 110 3.59 -22.10 -13.50
C ASN A 110 3.04 -22.76 -12.24
N ARG A 111 3.65 -22.50 -11.09
CA ARG A 111 3.18 -23.12 -9.85
C ARG A 111 3.07 -22.14 -8.69
N LEU A 112 2.65 -20.93 -9.00
CA LEU A 112 2.53 -19.90 -7.97
C LEU A 112 1.36 -20.19 -7.04
N THR A 113 1.58 -20.01 -5.75
CA THR A 113 0.53 -20.27 -4.77
C THR A 113 0.14 -19.00 -4.04
N SER A 114 0.98 -17.97 -4.19
CA SER A 114 0.71 -16.68 -3.57
C SER A 114 1.63 -15.66 -4.19
N LEU A 115 1.32 -14.38 -3.99
CA LEU A 115 2.14 -13.31 -4.52
C LEU A 115 2.64 -12.53 -3.32
N PRO A 116 3.92 -12.14 -3.33
CA PRO A 116 4.51 -11.39 -2.23
C PRO A 116 4.14 -9.93 -2.15
N LEU A 117 4.28 -9.38 -0.94
CA LEU A 117 4.01 -7.98 -0.69
C LEU A 117 5.08 -7.23 -1.49
N GLY A 118 4.67 -6.23 -2.26
CA GLY A 118 5.63 -5.48 -3.06
C GLY A 118 6.08 -6.21 -4.31
N ALA A 119 5.41 -7.34 -4.61
CA ALA A 119 5.72 -8.17 -5.78
C ALA A 119 6.04 -7.44 -7.08
N LEU A 120 5.22 -6.44 -7.44
CA LEU A 120 5.42 -5.70 -8.69
C LEU A 120 6.06 -4.32 -8.51
N ARG A 121 6.65 -4.09 -7.35
CA ARG A 121 7.30 -2.82 -7.06
C ARG A 121 8.35 -2.46 -8.12
N GLY A 122 8.31 -1.23 -8.62
CA GLY A 122 9.26 -0.80 -9.63
C GLY A 122 8.91 -1.08 -11.08
N LEU A 123 7.80 -1.79 -11.31
CA LEU A 123 7.37 -2.11 -12.67
C LEU A 123 6.40 -1.06 -13.19
N GLY A 124 6.81 0.21 -13.03
CA GLY A 124 5.98 1.32 -13.44
C GLY A 124 5.49 1.40 -14.87
N GLU A 125 6.19 0.75 -15.81
CA GLU A 125 5.75 0.80 -17.21
C GLU A 125 4.86 -0.37 -17.62
N LEU A 126 4.61 -1.30 -16.70
CA LEU A 126 3.80 -2.47 -17.03
C LEU A 126 2.42 -2.14 -17.60
N GLN A 127 2.09 -2.78 -18.71
CA GLN A 127 0.80 -2.55 -19.36
C GLN A 127 -0.01 -3.85 -19.45
N GLU A 128 0.70 -4.98 -19.42
CA GLU A 128 0.05 -6.28 -19.51
C GLU A 128 0.66 -7.28 -18.54
N LEU A 129 -0.22 -7.93 -17.78
CA LEU A 129 0.19 -8.92 -16.80
C LEU A 129 -0.67 -10.19 -16.91
N TYR A 130 -0.03 -11.31 -17.24
CA TYR A 130 -0.73 -12.58 -17.36
C TYR A 130 -0.24 -13.54 -16.30
N LEU A 131 -1.17 -14.03 -15.49
CA LEU A 131 -0.87 -14.96 -14.41
C LEU A 131 -1.78 -16.17 -14.48
N LYS A 132 -2.34 -16.40 -15.65
CA LYS A 132 -3.25 -17.52 -15.87
C LYS A 132 -2.64 -18.90 -15.59
N GLY A 133 -3.46 -19.84 -15.16
CA GLY A 133 -2.99 -21.20 -14.90
C GLY A 133 -2.07 -21.46 -13.73
N ASN A 134 -2.18 -20.68 -12.66
CA ASN A 134 -1.36 -20.93 -11.49
C ASN A 134 -2.28 -21.46 -10.39
N GLU A 135 -1.81 -21.43 -9.15
CA GLU A 135 -2.61 -21.92 -8.03
C GLU A 135 -2.91 -20.85 -6.97
N LEU A 136 -3.09 -19.62 -7.41
CA LEU A 136 -3.35 -18.52 -6.48
C LEU A 136 -4.71 -18.65 -5.79
N LYS A 137 -4.71 -18.55 -4.47
CA LYS A 137 -5.93 -18.62 -3.67
C LYS A 137 -6.40 -17.24 -3.21
N THR A 138 -5.43 -16.34 -2.99
CA THR A 138 -5.75 -14.97 -2.60
C THR A 138 -4.71 -14.06 -3.22
N LEU A 139 -4.93 -12.75 -3.11
CA LEU A 139 -4.01 -11.76 -3.66
C LEU A 139 -3.73 -10.77 -2.56
N PRO A 140 -2.49 -10.29 -2.49
CA PRO A 140 -2.15 -9.32 -1.44
C PRO A 140 -2.67 -7.93 -1.74
N PRO A 141 -2.97 -7.15 -0.70
CA PRO A 141 -3.47 -5.79 -0.92
C PRO A 141 -2.32 -4.93 -1.46
N GLY A 142 -2.62 -4.09 -2.44
CA GLY A 142 -1.61 -3.23 -3.01
C GLY A 142 -0.82 -3.85 -4.15
N LEU A 143 -1.27 -5.02 -4.63
CA LEU A 143 -0.59 -5.71 -5.72
C LEU A 143 -0.36 -4.85 -6.96
N LEU A 144 -1.41 -4.20 -7.44
CA LEU A 144 -1.32 -3.40 -8.66
C LEU A 144 -1.07 -1.90 -8.50
N THR A 145 -0.84 -1.44 -7.28
CA THR A 145 -0.61 -0.02 -7.06
C THR A 145 0.63 0.48 -7.80
N PRO A 146 1.66 -0.39 -7.94
CA PRO A 146 2.85 0.09 -8.66
C PRO A 146 2.75 -0.02 -10.18
N THR A 147 1.65 -0.57 -10.68
CA THR A 147 1.46 -0.69 -12.13
C THR A 147 0.20 0.03 -12.59
N PRO A 148 0.18 1.37 -12.44
CA PRO A 148 -0.91 2.29 -12.78
C PRO A 148 -1.38 2.23 -14.23
N LYS A 149 -0.47 1.86 -15.12
CA LYS A 149 -0.77 1.81 -16.55
C LYS A 149 -1.31 0.49 -17.08
N LEU A 150 -1.63 -0.43 -16.19
CA LEU A 150 -2.13 -1.74 -16.61
C LEU A 150 -3.38 -1.62 -17.50
N GLU A 151 -3.32 -2.28 -18.66
CA GLU A 151 -4.43 -2.28 -19.62
C GLU A 151 -5.05 -3.67 -19.71
N LYS A 152 -4.23 -4.68 -19.49
CA LYS A 152 -4.67 -6.07 -19.55
C LYS A 152 -4.14 -6.83 -18.34
N LEU A 153 -5.06 -7.53 -17.67
CA LEU A 153 -4.75 -8.32 -16.48
C LEU A 153 -5.45 -9.68 -16.54
N SER A 154 -4.66 -10.75 -16.47
CA SER A 154 -5.26 -12.09 -16.50
C SER A 154 -4.95 -12.94 -15.28
N LEU A 155 -5.99 -13.22 -14.49
CA LEU A 155 -5.88 -14.05 -13.30
C LEU A 155 -6.78 -15.27 -13.52
N ALA A 156 -7.09 -15.53 -14.78
CA ALA A 156 -7.95 -16.64 -15.13
C ALA A 156 -7.35 -18.01 -14.80
N ASN A 157 -8.23 -18.96 -14.52
CA ASN A 157 -7.84 -20.33 -14.21
C ASN A 157 -6.86 -20.51 -13.04
N ASN A 158 -7.19 -19.91 -11.91
CA ASN A 158 -6.39 -20.06 -10.70
C ASN A 158 -7.36 -20.68 -9.70
N ASN A 159 -7.17 -20.44 -8.41
CA ASN A 159 -8.05 -21.01 -7.41
C ASN A 159 -8.55 -19.92 -6.45
N LEU A 160 -8.70 -18.71 -6.97
CA LEU A 160 -9.13 -17.57 -6.19
C LEU A 160 -10.55 -17.69 -5.62
N THR A 161 -10.68 -17.44 -4.31
CA THR A 161 -11.98 -17.51 -3.65
C THR A 161 -12.51 -16.10 -3.36
N GLU A 162 -11.59 -15.15 -3.21
CA GLU A 162 -11.98 -13.77 -2.97
C GLU A 162 -10.93 -12.82 -3.55
N LEU A 163 -11.34 -11.58 -3.76
CA LEU A 163 -10.45 -10.56 -4.32
C LEU A 163 -10.43 -9.36 -3.37
N PRO A 164 -9.30 -8.64 -3.32
CA PRO A 164 -9.26 -7.48 -2.43
C PRO A 164 -10.11 -6.35 -2.97
N ALA A 165 -10.84 -5.69 -2.08
CA ALA A 165 -11.72 -4.60 -2.47
C ALA A 165 -11.06 -3.53 -3.34
N GLY A 166 -9.79 -3.23 -3.08
CA GLY A 166 -9.11 -2.20 -3.86
C GLY A 166 -8.16 -2.70 -4.92
N LEU A 167 -8.32 -3.96 -5.33
CA LEU A 167 -7.44 -4.54 -6.34
C LEU A 167 -7.20 -3.66 -7.55
N LEU A 168 -8.27 -3.06 -8.06
CA LEU A 168 -8.19 -2.23 -9.27
C LEU A 168 -7.91 -0.73 -9.15
N ASN A 169 -7.74 -0.21 -7.93
CA ASN A 169 -7.45 1.21 -7.74
C ASN A 169 -6.30 1.78 -8.57
N GLY A 170 -6.54 2.95 -9.17
CA GLY A 170 -5.53 3.61 -9.97
C GLY A 170 -5.40 3.16 -11.42
N LEU A 171 -6.07 2.07 -11.79
CA LEU A 171 -6.00 1.53 -13.14
C LEU A 171 -7.00 2.22 -14.08
N GLU A 172 -6.72 3.49 -14.37
CA GLU A 172 -7.57 4.31 -15.24
C GLU A 172 -7.56 3.84 -16.69
N ASN A 173 -6.67 2.93 -17.04
CA ASN A 173 -6.57 2.46 -18.41
C ASN A 173 -6.89 0.99 -18.64
N LEU A 174 -7.27 0.27 -17.59
CA LEU A 174 -7.59 -1.14 -17.71
C LEU A 174 -8.74 -1.35 -18.71
N ASP A 175 -8.55 -2.23 -19.69
CA ASP A 175 -9.61 -2.47 -20.66
C ASP A 175 -9.98 -3.95 -20.76
N THR A 176 -9.14 -4.83 -20.21
CA THR A 176 -9.41 -6.26 -20.26
C THR A 176 -9.08 -6.96 -18.93
N LEU A 177 -10.10 -7.55 -18.32
CA LEU A 177 -9.94 -8.26 -17.04
C LEU A 177 -10.42 -9.71 -17.14
N LEU A 178 -9.51 -10.66 -16.94
CA LEU A 178 -9.88 -12.08 -17.03
C LEU A 178 -9.85 -12.78 -15.67
N LEU A 179 -11.04 -13.11 -15.16
CA LEU A 179 -11.19 -13.78 -13.87
C LEU A 179 -11.98 -15.08 -13.98
N GLN A 180 -12.21 -15.54 -15.21
CA GLN A 180 -12.98 -16.76 -15.40
C GLN A 180 -12.33 -18.02 -14.83
N GLU A 181 -13.20 -18.96 -14.50
CA GLU A 181 -12.83 -20.27 -13.98
C GLU A 181 -11.91 -20.30 -12.75
N ASN A 182 -12.30 -19.55 -11.73
CA ASN A 182 -11.59 -19.52 -10.46
C ASN A 182 -12.61 -20.13 -9.48
N SER A 183 -12.48 -19.82 -8.20
CA SER A 183 -13.39 -20.34 -7.20
C SER A 183 -14.03 -19.15 -6.49
N LEU A 184 -14.30 -18.10 -7.25
CA LEU A 184 -14.88 -16.87 -6.70
C LEU A 184 -16.29 -17.01 -6.18
N TYR A 185 -16.46 -16.68 -4.91
CA TYR A 185 -17.76 -16.76 -4.25
C TYR A 185 -18.52 -15.43 -4.31
N THR A 186 -17.79 -14.31 -4.36
CA THR A 186 -18.43 -13.00 -4.42
C THR A 186 -17.48 -11.86 -4.85
N ILE A 187 -18.06 -10.69 -5.10
CA ILE A 187 -17.33 -9.49 -5.50
C ILE A 187 -17.56 -8.46 -4.41
N PRO A 188 -16.49 -7.88 -3.85
CA PRO A 188 -16.61 -6.87 -2.79
C PRO A 188 -17.23 -5.57 -3.29
N LYS A 189 -18.03 -4.95 -2.44
CA LYS A 189 -18.69 -3.69 -2.79
C LYS A 189 -17.73 -2.64 -3.34
N GLY A 190 -18.10 -2.05 -4.47
CA GLY A 190 -17.28 -1.00 -5.08
C GLY A 190 -16.07 -1.49 -5.85
N PHE A 191 -15.95 -2.80 -6.02
CA PHE A 191 -14.81 -3.40 -6.70
C PHE A 191 -14.44 -2.76 -8.04
N PHE A 192 -15.44 -2.43 -8.85
CA PHE A 192 -15.20 -1.83 -10.16
C PHE A 192 -15.13 -0.32 -10.16
N GLY A 193 -15.56 0.30 -9.06
CA GLY A 193 -15.53 1.75 -8.98
C GLY A 193 -16.32 2.42 -10.10
N SER A 194 -15.85 3.58 -10.54
CA SER A 194 -16.52 4.31 -11.62
C SER A 194 -15.66 4.27 -12.88
N HIS A 195 -15.03 3.12 -13.11
CA HIS A 195 -14.18 2.95 -14.25
C HIS A 195 -14.89 2.17 -15.35
N LEU A 196 -14.71 2.59 -16.60
CA LEU A 196 -15.35 1.89 -17.72
C LEU A 196 -14.47 0.68 -18.09
N LEU A 197 -15.04 -0.52 -18.04
CA LEU A 197 -14.29 -1.74 -18.36
C LEU A 197 -14.90 -2.46 -19.55
N PRO A 198 -14.35 -2.22 -20.76
CA PRO A 198 -14.84 -2.84 -22.00
C PRO A 198 -14.92 -4.37 -22.01
N PHE A 199 -13.94 -5.05 -21.42
CA PHE A 199 -13.96 -6.52 -21.42
C PHE A 199 -13.77 -7.17 -20.05
N ALA A 200 -14.76 -7.97 -19.66
CA ALA A 200 -14.71 -8.66 -18.39
C ALA A 200 -15.18 -10.12 -18.54
N PHE A 201 -14.35 -11.04 -18.04
CA PHE A 201 -14.64 -12.48 -18.10
C PHE A 201 -14.82 -12.97 -16.64
N LEU A 202 -16.04 -13.33 -16.29
CA LEU A 202 -16.38 -13.76 -14.94
C LEU A 202 -17.13 -15.09 -14.84
N HIS A 203 -17.27 -15.80 -15.95
CA HIS A 203 -17.97 -17.07 -15.95
C HIS A 203 -17.10 -18.17 -15.36
N GLY A 204 -17.73 -19.29 -14.98
CA GLY A 204 -16.99 -20.40 -14.41
C GLY A 204 -16.67 -20.28 -12.93
N ASN A 205 -17.41 -19.45 -12.22
CA ASN A 205 -17.17 -19.28 -10.80
C ASN A 205 -18.40 -19.68 -9.97
N PRO A 206 -18.18 -20.19 -8.75
CA PRO A 206 -19.23 -20.64 -7.82
C PRO A 206 -19.88 -19.46 -7.10
N TRP A 207 -20.29 -18.45 -7.88
CA TRP A 207 -20.92 -17.27 -7.30
C TRP A 207 -21.97 -17.65 -6.27
N LEU A 208 -21.81 -17.09 -5.08
CA LEU A 208 -22.72 -17.35 -3.97
C LEU A 208 -23.75 -16.22 -3.98
N CYS A 209 -24.93 -16.52 -4.51
CA CYS A 209 -25.98 -15.53 -4.61
C CYS A 209 -26.78 -15.33 -3.33
N ASN A 210 -26.37 -14.32 -2.58
CA ASN A 210 -27.03 -13.92 -1.34
C ASN A 210 -26.95 -12.39 -1.32
N CYS A 211 -27.41 -11.76 -0.25
CA CYS A 211 -27.42 -10.30 -0.18
C CYS A 211 -26.08 -9.61 -0.44
N GLU A 212 -24.98 -10.35 -0.36
CA GLU A 212 -23.65 -9.77 -0.60
C GLU A 212 -23.32 -9.71 -2.08
N ILE A 213 -24.16 -10.34 -2.91
CA ILE A 213 -23.92 -10.36 -4.34
C ILE A 213 -24.68 -9.27 -5.07
N LEU A 214 -25.48 -8.50 -4.33
CA LEU A 214 -26.29 -7.44 -4.93
C LEU A 214 -25.52 -6.34 -5.66
N TYR A 215 -24.36 -5.94 -5.13
CA TYR A 215 -23.56 -4.92 -5.79
C TYR A 215 -23.13 -5.46 -7.14
N PHE A 216 -22.70 -6.72 -7.15
CA PHE A 216 -22.27 -7.38 -8.36
C PHE A 216 -23.43 -7.52 -9.34
N ARG A 217 -24.64 -7.73 -8.81
CA ARG A 217 -25.81 -7.86 -9.67
C ARG A 217 -26.10 -6.55 -10.37
N ARG A 218 -25.98 -5.46 -9.61
CA ARG A 218 -26.22 -4.12 -10.14
C ARG A 218 -25.20 -3.85 -11.24
N TRP A 219 -23.94 -4.17 -10.95
CA TRP A 219 -22.86 -3.96 -11.92
C TRP A 219 -23.09 -4.73 -13.20
N LEU A 220 -23.51 -6.00 -13.08
CA LEU A 220 -23.76 -6.85 -14.23
C LEU A 220 -24.87 -6.32 -15.14
N GLN A 221 -25.92 -5.76 -14.55
CA GLN A 221 -27.04 -5.22 -15.33
C GLN A 221 -26.60 -3.97 -16.07
N ASP A 222 -25.87 -3.10 -15.38
CA ASP A 222 -25.38 -1.85 -15.94
C ASP A 222 -24.28 -2.03 -16.99
N ASN A 223 -23.55 -3.14 -16.92
CA ASN A 223 -22.45 -3.38 -17.86
C ASN A 223 -22.58 -4.70 -18.61
N ALA A 224 -23.81 -5.13 -18.86
CA ALA A 224 -24.09 -6.40 -19.55
C ALA A 224 -23.31 -6.62 -20.85
N GLU A 225 -23.16 -5.58 -21.65
CA GLU A 225 -22.47 -5.66 -22.92
C GLU A 225 -20.95 -5.71 -22.81
N ASN A 226 -20.42 -5.63 -21.58
CA ASN A 226 -18.98 -5.68 -21.37
C ASN A 226 -18.55 -7.05 -20.86
N VAL A 227 -19.51 -7.95 -20.66
CA VAL A 227 -19.21 -9.28 -20.13
C VAL A 227 -19.14 -10.33 -21.22
N TYR A 228 -18.01 -11.01 -21.32
CA TYR A 228 -17.80 -12.02 -22.35
C TYR A 228 -17.46 -13.40 -21.84
N VAL A 229 -17.46 -14.35 -22.78
CA VAL A 229 -17.12 -15.73 -22.47
C VAL A 229 -15.87 -16.07 -23.26
N TRP A 230 -14.91 -16.68 -22.60
CA TRP A 230 -13.66 -17.05 -23.23
C TRP A 230 -13.84 -18.15 -24.30
N LYS A 231 -13.09 -18.01 -25.38
CA LYS A 231 -13.12 -18.97 -26.48
C LYS A 231 -11.71 -18.95 -27.09
N GLN A 232 -11.01 -20.06 -26.93
CA GLN A 232 -9.65 -20.17 -27.44
C GLN A 232 -9.56 -20.00 -28.96
N GLY A 233 -8.48 -19.38 -29.42
CA GLY A 233 -8.29 -19.21 -30.84
C GLY A 233 -8.99 -18.07 -31.55
N VAL A 234 -9.40 -17.06 -30.80
CA VAL A 234 -10.07 -15.91 -31.41
C VAL A 234 -9.84 -14.66 -30.55
N ASP A 235 -9.69 -13.52 -31.21
CA ASP A 235 -9.48 -12.25 -30.51
C ASP A 235 -10.54 -12.01 -29.45
N VAL A 236 -10.14 -11.32 -28.39
CA VAL A 236 -11.05 -10.98 -27.30
C VAL A 236 -12.25 -10.23 -27.91
N LYS A 237 -11.97 -9.21 -28.70
CA LYS A 237 -12.99 -8.38 -29.34
C LYS A 237 -13.97 -9.15 -30.21
N ALA A 238 -13.55 -10.32 -30.69
CA ALA A 238 -14.40 -11.15 -31.53
C ALA A 238 -15.24 -12.07 -30.67
N MET A 239 -14.81 -12.30 -29.44
CA MET A 239 -15.57 -13.17 -28.55
C MET A 239 -17.00 -12.66 -28.40
N THR A 240 -17.89 -13.53 -27.91
CA THR A 240 -19.29 -13.15 -27.77
C THR A 240 -19.63 -12.64 -26.37
N SER A 241 -20.39 -11.55 -26.34
CA SER A 241 -20.82 -10.93 -25.09
C SER A 241 -22.00 -11.74 -24.55
N ASN A 242 -22.06 -11.93 -23.23
CA ASN A 242 -23.14 -12.69 -22.62
C ASN A 242 -23.10 -12.58 -21.09
N VAL A 243 -23.88 -11.65 -20.55
CA VAL A 243 -23.89 -11.45 -19.11
C VAL A 243 -24.49 -12.67 -18.40
N ALA A 244 -25.28 -13.46 -19.14
CA ALA A 244 -25.90 -14.65 -18.58
C ALA A 244 -24.88 -15.72 -18.17
N SER A 245 -23.65 -15.62 -18.67
CA SER A 245 -22.60 -16.58 -18.33
C SER A 245 -22.22 -16.54 -16.84
N VAL A 246 -22.39 -15.38 -16.21
CA VAL A 246 -22.06 -15.24 -14.79
C VAL A 246 -23.24 -15.80 -14.00
N GLN A 247 -23.14 -17.07 -13.66
CA GLN A 247 -24.23 -17.74 -12.98
C GLN A 247 -24.01 -18.13 -11.52
N CYS A 248 -25.13 -18.21 -10.80
CA CYS A 248 -25.11 -18.60 -9.39
C CYS A 248 -24.82 -20.10 -9.30
N ASP A 249 -23.93 -20.47 -8.40
CA ASP A 249 -23.60 -21.89 -8.20
C ASP A 249 -23.13 -22.53 -9.49
N ASN A 250 -22.75 -21.71 -10.47
CA ASN A 250 -22.28 -22.26 -11.73
C ASN A 250 -23.37 -23.03 -12.48
N SER A 251 -24.63 -22.64 -12.27
CA SER A 251 -25.73 -23.31 -12.96
C SER A 251 -26.38 -22.28 -13.90
N ASP A 252 -26.32 -22.58 -15.19
CA ASP A 252 -26.86 -21.69 -16.21
C ASP A 252 -28.34 -21.39 -16.10
N LYS A 253 -29.00 -21.89 -15.06
CA LYS A 253 -30.41 -21.65 -14.91
C LYS A 253 -30.67 -20.50 -13.93
N PHE A 254 -29.60 -19.99 -13.34
CA PHE A 254 -29.73 -18.90 -12.40
C PHE A 254 -28.63 -17.85 -12.56
N PRO A 255 -28.72 -17.04 -13.62
CA PRO A 255 -27.73 -15.99 -13.89
C PRO A 255 -27.73 -14.97 -12.76
N VAL A 256 -26.56 -14.56 -12.30
CA VAL A 256 -26.47 -13.60 -11.21
C VAL A 256 -27.25 -12.30 -11.45
N TYR A 257 -27.24 -11.81 -12.68
CA TYR A 257 -27.93 -10.56 -12.98
C TYR A 257 -29.46 -10.65 -12.86
N LYS A 258 -29.97 -11.88 -12.73
CA LYS A 258 -31.40 -12.11 -12.58
C LYS A 258 -31.73 -12.54 -11.15
N TYR A 259 -30.70 -12.62 -10.30
CA TYR A 259 -30.89 -13.04 -8.92
C TYR A 259 -31.83 -12.07 -8.21
N PRO A 260 -33.02 -12.55 -7.80
CA PRO A 260 -34.01 -11.72 -7.11
C PRO A 260 -33.48 -11.08 -5.83
N GLY A 261 -33.03 -11.91 -4.90
CA GLY A 261 -32.54 -11.38 -3.64
C GLY A 261 -33.72 -11.05 -2.75
N LYS A 262 -34.62 -12.01 -2.60
CA LYS A 262 -35.81 -11.81 -1.78
C LYS A 262 -35.45 -11.70 -0.31
N GLY A 263 -36.03 -10.70 0.35
CA GLY A 263 -35.78 -10.51 1.76
C GLY A 263 -34.60 -9.61 2.06
N CYS A 264 -33.64 -9.57 1.13
CA CYS A 264 -32.46 -8.74 1.32
C CYS A 264 -32.83 -7.30 1.64
N PRO A 265 -32.17 -6.71 2.65
CA PRO A 265 -32.42 -5.33 3.06
C PRO A 265 -32.31 -4.32 1.92
N THR A 266 -31.94 -3.09 2.27
CA THR A 266 -31.84 -2.02 1.28
C THR A 266 -30.47 -1.95 0.60
N LEU A 267 -30.47 -1.92 -0.73
CA LEU A 267 -29.22 -1.84 -1.48
C LEU A 267 -28.87 -0.38 -1.69
N GLY A 268 -29.87 0.42 -2.06
CA GLY A 268 -29.69 1.85 -2.28
C GLY A 268 -28.28 2.27 -2.63
N ASP A 269 -27.44 2.37 -1.60
CA ASP A 269 -26.02 2.74 -1.71
C ASP A 269 -25.63 3.70 -0.60
N GLU A 270 -24.39 3.58 -0.15
CA GLU A 270 -23.90 4.47 0.89
C GLU A 270 -22.83 5.35 0.26
N GLY A 271 -22.23 4.84 -0.80
CA GLY A 271 -21.19 5.56 -1.51
C GLY A 271 -19.99 4.69 -1.80
N ASP A 272 -19.58 4.61 -3.06
CA ASP A 272 -18.43 3.81 -3.43
C ASP A 272 -17.21 4.43 -2.75
N THR A 273 -16.73 3.79 -1.69
CA THR A 273 -15.58 4.29 -0.94
C THR A 273 -14.39 4.59 -1.85
N ASP A 274 -13.97 5.86 -1.87
CA ASP A 274 -12.85 6.28 -2.70
C ASP A 274 -11.51 6.04 -2.01
N LEU A 275 -10.43 6.45 -2.68
CA LEU A 275 -9.08 6.28 -2.14
C LEU A 275 -8.75 7.39 -1.15
N ASP A 277 -10.13 11.50 0.35
CA ASP A 277 -11.30 12.11 0.94
C ASP A 277 -11.69 13.38 0.24
N TYR A 278 -12.97 13.45 -0.06
CA TYR A 278 -13.58 14.61 -0.66
C TYR A 278 -14.75 14.77 0.30
N GLU B 1 12.21 16.96 1.70
CA GLU B 1 11.44 15.70 1.47
C GLU B 1 12.22 14.61 0.72
N ALA B 2 13.32 14.99 0.07
CA ALA B 2 14.11 14.02 -0.68
C ALA B 2 14.84 13.01 0.21
N ASP B 3 15.10 13.39 1.45
CA ASP B 3 15.82 12.53 2.39
C ASP B 3 14.92 12.11 3.58
N CYS B 4 13.61 12.21 3.37
CA CYS B 4 12.59 11.88 4.36
C CYS B 4 12.81 10.53 5.06
N GLY B 5 12.28 10.42 6.27
CA GLY B 5 12.31 9.19 7.05
C GLY B 5 13.58 8.38 7.22
N LEU B 6 14.73 8.98 6.95
CA LEU B 6 16.00 8.30 7.10
C LEU B 6 16.72 8.96 8.28
N ARG B 7 16.64 8.32 9.44
CA ARG B 7 17.25 8.84 10.65
C ARG B 7 18.77 8.92 10.60
N PRO B 8 19.34 10.10 10.90
CA PRO B 8 20.79 10.25 10.86
C PRO B 8 21.56 9.35 11.85
N LEU B 9 20.97 9.06 13.02
CA LEU B 9 21.63 8.23 14.02
C LEU B 9 21.35 6.74 13.89
N PHE B 10 20.56 6.36 12.89
CA PHE B 10 20.23 4.95 12.73
C PHE B 10 20.41 4.48 11.29
N GLU B 11 19.37 4.61 10.48
CA GLU B 11 19.48 4.17 9.10
C GLU B 11 20.77 4.62 8.47
N LYS B 12 21.05 5.92 8.57
CA LYS B 12 22.24 6.53 7.99
C LYS B 12 23.60 6.02 8.46
N LYS B 13 23.60 5.02 9.34
CA LYS B 13 24.86 4.46 9.80
C LYS B 13 24.73 2.97 10.05
N SER B 14 23.82 2.35 9.32
CA SER B 14 23.58 0.92 9.42
C SER B 14 23.34 0.42 10.84
N LEU B 15 22.72 1.25 11.67
CA LEU B 15 22.42 0.86 13.03
C LEU B 15 20.91 0.65 13.20
N GLU B 16 20.54 -0.39 13.93
CA GLU B 16 19.14 -0.72 14.13
C GLU B 16 18.55 -0.19 15.43
N ASP B 17 17.25 -0.39 15.55
CA ASP B 17 16.47 0.05 16.70
C ASP B 17 16.33 -1.05 17.72
N LYS B 18 16.13 -0.60 18.95
CA LYS B 18 15.92 -1.48 20.06
C LYS B 18 14.70 -2.33 19.70
N THR B 19 13.70 -1.72 19.07
CA THR B 19 12.49 -2.45 18.72
C THR B 19 11.99 -2.42 17.28
N GLU B 20 12.69 -1.75 16.36
CA GLU B 20 12.21 -1.71 14.96
C GLU B 20 12.06 -3.10 14.39
N ARG B 21 12.97 -3.99 14.79
CA ARG B 21 12.97 -5.37 14.35
C ARG B 21 11.56 -5.99 14.52
N GLU B 22 10.84 -5.57 15.56
CA GLU B 22 9.49 -6.07 15.82
C GLU B 22 8.47 -5.67 14.75
N LEU B 23 8.66 -4.49 14.15
CA LEU B 23 7.74 -4.02 13.13
C LEU B 23 7.88 -4.83 11.85
N LEU B 24 9.12 -5.06 11.45
CA LEU B 24 9.41 -5.81 10.23
C LEU B 24 8.91 -7.26 10.32
N GLU B 25 9.02 -7.85 11.52
CA GLU B 25 8.58 -9.22 11.72
C GLU B 25 7.07 -9.38 11.61
N SER B 26 6.33 -8.27 11.61
CA SER B 26 4.89 -8.38 11.48
C SER B 26 4.46 -8.42 10.01
N TYR B 27 5.41 -8.06 9.13
CA TYR B 27 5.11 -8.09 7.70
C TYR B 27 5.00 -9.53 7.18
N ILE B 28 5.37 -10.47 8.06
CA ILE B 28 5.30 -11.88 7.68
C ILE B 28 4.21 -12.62 8.45
N ASP B 29 3.74 -11.98 9.54
CA ASP B 29 2.69 -12.59 10.35
C ASP B 29 1.39 -11.80 10.27
N ILE C 1 2.20 7.81 26.69
CA ILE C 1 2.32 6.40 26.20
C ILE C 1 2.21 5.41 27.36
N VAL C 2 1.22 4.54 27.29
CA VAL C 2 1.00 3.52 28.32
C VAL C 2 1.74 2.24 27.92
N GLU C 3 2.50 1.68 28.85
CA GLU C 3 3.25 0.45 28.61
C GLU C 3 4.38 0.57 27.59
N GLY C 4 4.85 1.79 27.37
CA GLY C 4 5.93 1.98 26.42
C GLY C 4 7.29 1.88 27.10
N SER C 5 8.30 2.47 26.50
CA SER C 5 9.65 2.47 27.08
C SER C 5 10.36 3.75 26.68
N ASP C 6 11.56 3.97 27.21
CA ASP C 6 12.31 5.17 26.88
C ASP C 6 12.82 5.12 25.45
N ALA C 7 12.48 6.14 24.67
CA ALA C 7 12.92 6.21 23.30
C ALA C 7 14.43 6.40 23.36
N GLU C 8 15.14 5.89 22.36
CA GLU C 8 16.57 6.07 22.31
C GLU C 8 16.83 7.46 21.76
N ILE C 9 18.06 7.94 21.84
CA ILE C 9 18.34 9.26 21.33
C ILE C 9 18.27 9.27 19.81
N GLY C 10 17.50 10.20 19.28
CA GLY C 10 17.34 10.33 17.84
C GLY C 10 16.54 9.27 17.10
N MET C 11 15.86 8.37 17.80
CA MET C 11 15.10 7.34 17.09
C MET C 11 13.78 7.86 16.51
N SER C 12 13.45 9.10 16.84
CA SER C 12 12.21 9.72 16.36
C SER C 12 12.49 11.21 16.16
N PRO C 13 13.45 11.55 15.28
CA PRO C 13 13.86 12.91 14.97
C PRO C 13 12.81 13.81 14.34
N TRP C 14 11.61 13.26 14.10
CA TRP C 14 10.53 14.04 13.52
C TRP C 14 9.53 14.43 14.58
N GLN C 15 9.70 13.89 15.78
CA GLN C 15 8.81 14.19 16.89
C GLN C 15 8.84 15.70 17.20
N VAL C 16 7.66 16.28 17.38
CA VAL C 16 7.57 17.70 17.70
C VAL C 16 6.72 17.88 18.97
N MET C 17 7.01 18.94 19.72
CA MET C 17 6.27 19.24 20.93
C MET C 17 5.51 20.55 20.77
N LEU C 18 4.19 20.51 20.88
CA LEU C 18 3.37 21.70 20.77
C LEU C 18 3.37 22.26 22.20
N PHE C 19 3.99 23.42 22.38
CA PHE C 19 4.13 24.01 23.70
C PHE C 19 3.40 25.34 23.90
N ARG C 20 2.67 25.44 25.00
CA ARG C 20 1.96 26.68 25.31
C ARG C 20 2.95 27.64 25.95
N LYS C 21 2.96 28.88 25.49
CA LYS C 21 3.89 29.89 26.03
C LYS C 21 3.59 30.38 27.44
N SER C 22 2.34 30.77 27.69
CA SER C 22 1.95 31.33 28.96
C SER C 22 0.52 30.95 29.39
N PRO C 23 0.38 30.12 30.44
CA PRO C 23 1.46 29.53 31.24
C PRO C 23 2.18 28.39 30.49
N GLN C 24 3.46 28.21 30.78
CA GLN C 24 4.26 27.18 30.13
C GLN C 24 3.74 25.76 30.37
N GLU C 25 3.42 25.05 29.29
CA GLU C 25 2.94 23.68 29.40
C GLU C 25 2.86 22.91 28.08
N LEU C 26 2.95 21.59 28.18
CA LEU C 26 2.87 20.71 27.04
C LEU C 26 1.41 20.57 26.64
N LEU C 27 1.09 20.91 25.40
CA LEU C 27 -0.27 20.79 24.95
C LEU C 27 -0.51 19.49 24.22
N CYS C 28 0.31 19.24 23.21
CA CYS C 28 0.18 18.04 22.40
C CYS C 28 1.50 17.68 21.74
N GLY C 29 1.45 16.59 20.98
CA GLY C 29 2.60 16.14 20.23
C GLY C 29 2.33 16.55 18.80
N ALA C 30 3.30 16.36 17.92
CA ALA C 30 3.15 16.72 16.52
C ALA C 30 4.33 16.12 15.76
N SER C 31 4.44 16.39 14.46
CA SER C 31 5.55 15.84 13.70
C SER C 31 6.09 16.80 12.64
N LEU C 32 7.34 16.58 12.28
CA LEU C 32 8.04 17.39 11.28
C LEU C 32 7.94 16.65 9.94
N ILE C 33 7.33 17.29 8.95
CA ILE C 33 7.19 16.66 7.65
C ILE C 33 7.91 17.43 6.55
N SER C 34 8.61 18.48 6.95
CA SER C 34 9.33 19.34 6.03
C SER C 34 10.11 20.34 6.87
N ASP C 35 10.91 21.18 6.25
CA ASP C 35 11.68 22.16 7.01
C ASP C 35 10.87 23.36 7.49
N ARG C 36 9.61 23.46 7.04
CA ARG C 36 8.78 24.59 7.38
C ARG C 36 7.34 24.20 7.76
N TRP C 37 7.03 22.91 7.69
CA TRP C 37 5.69 22.46 8.01
C TRP C 37 5.62 21.36 9.08
N VAL C 38 4.69 21.53 10.01
CA VAL C 38 4.48 20.60 11.09
C VAL C 38 3.03 20.10 11.03
N LEU C 39 2.84 18.82 11.32
CA LEU C 39 1.53 18.19 11.28
C LEU C 39 1.09 17.78 12.68
N THR C 40 -0.18 18.03 13.00
CA THR C 40 -0.70 17.69 14.32
C THR C 40 -2.22 17.43 14.28
N ALA C 41 -2.84 17.23 15.43
CA ALA C 41 -4.29 16.98 15.50
C ALA C 41 -5.09 18.27 15.66
N ALA C 42 -6.22 18.34 14.96
CA ALA C 42 -7.09 19.51 15.01
C ALA C 42 -7.62 19.83 16.42
N HIS C 43 -8.07 18.80 17.15
CA HIS C 43 -8.62 19.01 18.47
C HIS C 43 -7.59 19.53 19.47
N CYS C 44 -6.34 19.57 19.06
CA CYS C 44 -5.26 20.07 19.92
C CYS C 44 -5.23 21.59 19.89
N LEU C 45 -5.81 22.17 18.85
CA LEU C 45 -5.85 23.60 18.71
C LEU C 45 -7.27 24.15 18.85
N LEU C 46 -8.23 23.48 18.21
CA LEU C 46 -9.61 23.90 18.27
C LEU C 46 -10.57 22.83 18.79
N TYR C 47 -11.36 23.21 19.79
CA TYR C 47 -12.33 22.32 20.38
C TYR C 47 -13.36 23.09 21.20
N PRO C 48 -14.38 23.65 20.54
CA PRO C 48 -15.44 24.42 21.18
C PRO C 48 -16.01 23.84 22.49
N PRO C 49 -16.33 22.54 22.52
CA PRO C 49 -16.87 21.93 23.74
C PRO C 49 -16.14 22.36 25.02
N TRP C 50 -14.81 22.47 24.94
CA TRP C 50 -14.00 22.85 26.09
C TRP C 50 -13.55 24.30 25.98
N ASP C 51 -14.14 25.04 25.05
CA ASP C 51 -13.77 26.42 24.90
C ASP C 51 -12.27 26.50 24.56
N LYS C 52 -11.81 25.58 23.70
CA LYS C 52 -10.42 25.53 23.29
C LYS C 52 -10.23 26.08 21.87
N ASN C 53 -9.36 27.08 21.75
CA ASN C 53 -9.06 27.74 20.48
C ASN C 53 -7.71 28.51 20.53
N PHE C 54 -6.60 27.78 20.41
CA PHE C 54 -5.25 28.35 20.43
C PHE C 54 -4.93 28.94 19.07
N THR C 55 -4.38 30.14 19.07
CA THR C 55 -3.98 30.80 17.84
C THR C 55 -2.43 30.85 17.77
N GLU C 56 -1.88 31.30 16.65
CA GLU C 56 -0.43 31.37 16.46
C GLU C 56 0.36 31.94 17.64
N ASN C 57 -0.14 33.01 18.26
CA ASN C 57 0.58 33.65 19.36
C ASN C 57 0.53 32.99 20.73
N ASP C 58 -0.25 31.91 20.86
CA ASP C 58 -0.34 31.20 22.12
C ASP C 58 0.64 30.04 22.17
N LEU C 59 1.28 29.74 21.03
CA LEU C 59 2.16 28.56 20.96
C LEU C 59 3.56 28.71 20.37
N LEU C 60 4.32 27.66 20.57
CA LEU C 60 5.66 27.54 20.02
C LEU C 60 5.91 26.04 19.86
N VAL C 61 6.67 25.67 18.83
CA VAL C 61 6.96 24.26 18.60
C VAL C 61 8.40 23.97 19.03
N ARG C 62 8.61 22.80 19.62
CA ARG C 62 9.94 22.41 20.10
C ARG C 62 10.35 21.13 19.39
N ILE C 63 11.34 21.26 18.51
CA ILE C 63 11.81 20.13 17.73
C ILE C 63 13.14 19.55 18.22
N GLY C 64 13.29 18.24 18.05
CA GLY C 64 14.53 17.58 18.45
C GLY C 64 14.69 17.39 19.95
N LYS C 65 13.59 17.28 20.66
CA LYS C 65 13.66 17.09 22.10
C LYS C 65 13.68 15.63 22.55
N HIS C 66 14.16 15.42 23.76
CA HIS C 66 14.21 14.10 24.36
C HIS C 66 13.61 14.23 25.76
N SER C 67 14.21 15.09 26.57
CA SER C 67 13.69 15.33 27.92
C SER C 67 12.33 16.02 27.76
N ARG C 68 11.41 15.70 28.65
CA ARG C 68 10.08 16.28 28.62
C ARG C 68 10.02 17.70 29.20
N THR C 69 10.88 17.99 30.17
CA THR C 69 10.81 19.29 30.81
C THR C 69 12.01 20.22 30.71
N ARG C 70 13.19 19.67 30.49
CA ARG C 70 14.38 20.51 30.40
C ARG C 70 14.46 21.36 29.12
N TYR C 71 15.27 22.41 29.16
CA TYR C 71 15.48 23.26 27.98
C TYR C 71 16.77 22.72 27.39
N GLU C 72 16.62 21.70 26.55
CA GLU C 72 17.76 21.04 25.92
C GLU C 72 18.50 21.95 24.93
N ARG C 73 19.33 22.84 25.47
CA ARG C 73 20.08 23.81 24.67
C ARG C 73 21.12 23.26 23.71
N ASN C 74 21.11 23.78 22.49
CA ASN C 74 22.03 23.36 21.43
C ASN C 74 21.63 22.03 20.81
N ILE C 75 20.50 21.48 21.27
CA ILE C 75 19.99 20.23 20.75
C ILE C 75 18.58 20.45 20.20
N GLU C 76 17.67 20.93 21.03
CA GLU C 76 16.31 21.19 20.57
C GLU C 76 16.25 22.55 19.90
N LYS C 77 15.25 22.74 19.06
CA LYS C 77 15.08 24.01 18.37
C LYS C 77 13.67 24.51 18.63
N ILE C 78 13.57 25.79 18.93
CA ILE C 78 12.27 26.39 19.19
C ILE C 78 11.86 27.18 17.95
N SER C 79 10.62 26.99 17.50
CA SER C 79 10.14 27.71 16.35
C SER C 79 8.80 28.34 16.68
N MET C 80 8.50 29.43 15.98
CA MET C 80 7.25 30.14 16.17
C MET C 80 6.34 29.72 15.02
N LEU C 81 5.06 30.04 15.11
CA LEU C 81 4.12 29.67 14.07
C LEU C 81 3.75 30.89 13.23
N GLU C 82 3.71 30.71 11.92
CA GLU C 82 3.34 31.78 11.01
C GLU C 82 1.84 31.69 10.73
N LYS C 83 1.36 30.47 10.54
CA LYS C 83 -0.05 30.25 10.25
C LYS C 83 -0.50 28.84 10.58
N ILE C 84 -1.72 28.72 11.10
CA ILE C 84 -2.31 27.43 11.44
C ILE C 84 -3.44 27.19 10.45
N TYR C 85 -3.46 25.99 9.87
CA TYR C 85 -4.47 25.60 8.90
C TYR C 85 -5.21 24.38 9.41
N ILE C 86 -6.43 24.57 9.88
CA ILE C 86 -7.23 23.46 10.38
C ILE C 86 -8.14 22.98 9.26
N HIS C 87 -8.31 21.66 9.16
CA HIS C 87 -9.16 21.10 8.12
C HIS C 87 -10.56 21.72 8.22
N PRO C 88 -11.05 22.29 7.12
CA PRO C 88 -12.37 22.92 7.06
C PRO C 88 -13.54 22.03 7.48
N ARG C 89 -13.39 20.72 7.31
CA ARG C 89 -14.45 19.79 7.67
C ARG C 89 -14.16 19.00 8.93
N TYR C 90 -13.29 19.52 9.78
CA TYR C 90 -12.96 18.86 11.04
C TYR C 90 -14.25 18.76 11.85
N ASN C 91 -14.63 17.54 12.21
CA ASN C 91 -15.87 17.30 12.94
C ASN C 91 -15.69 17.12 14.45
N TRP C 92 -15.65 18.22 15.19
CA TRP C 92 -15.48 18.14 16.63
C TRP C 92 -16.82 17.93 17.32
N ARG C 93 -17.88 18.24 16.60
CA ARG C 93 -19.24 18.13 17.14
C ARG C 93 -19.75 16.69 17.25
N GLU C 94 -19.24 15.78 16.41
CA GLU C 94 -19.71 14.40 16.43
C GLU C 94 -18.70 13.28 16.70
N ASN C 95 -17.63 13.20 15.92
CA ASN C 95 -16.66 12.11 16.11
C ASN C 95 -15.20 12.41 15.81
N LEU C 96 -14.81 13.69 15.86
CA LEU C 96 -13.44 14.07 15.57
C LEU C 96 -12.97 13.57 14.20
N ASP C 97 -13.86 13.60 13.22
CA ASP C 97 -13.50 13.16 11.89
C ASP C 97 -12.59 14.23 11.27
N ARG C 98 -11.62 13.79 10.46
CA ARG C 98 -10.68 14.70 9.83
C ARG C 98 -10.00 15.52 10.92
N ASP C 99 -9.55 14.82 11.96
CA ASP C 99 -8.87 15.46 13.08
C ASP C 99 -7.41 15.68 12.66
N ILE C 100 -7.19 16.77 11.93
CA ILE C 100 -5.88 17.09 11.40
C ILE C 100 -5.69 18.59 11.21
N ALA C 101 -4.45 19.05 11.33
CA ALA C 101 -4.13 20.46 11.14
C ALA C 101 -2.68 20.64 10.72
N LEU C 102 -2.41 21.68 9.94
CA LEU C 102 -1.07 21.96 9.47
C LEU C 102 -0.57 23.26 10.10
N MET C 103 0.72 23.31 10.41
CA MET C 103 1.31 24.48 11.02
C MET C 103 2.58 24.89 10.26
N LYS C 104 2.57 26.10 9.70
CA LYS C 104 3.73 26.59 8.95
C LYS C 104 4.60 27.41 9.90
N LEU C 105 5.91 27.17 9.86
CA LEU C 105 6.86 27.86 10.74
C LEU C 105 7.31 29.20 10.21
N LYS C 106 7.54 30.14 11.11
CA LYS C 106 7.97 31.49 10.72
C LYS C 106 9.25 31.46 9.92
N LYS C 107 10.14 30.52 10.26
CA LYS C 107 11.40 30.38 9.56
C LYS C 107 11.74 28.90 9.49
N PRO C 108 12.38 28.47 8.39
CA PRO C 108 12.74 27.05 8.28
C PRO C 108 13.66 26.64 9.41
N VAL C 109 13.72 25.34 9.67
CA VAL C 109 14.57 24.81 10.72
C VAL C 109 15.74 24.07 10.08
N ALA C 110 16.86 24.02 10.77
CA ALA C 110 18.02 23.33 10.26
C ALA C 110 17.94 21.90 10.80
N PHE C 111 18.22 20.92 9.95
CA PHE C 111 18.18 19.53 10.39
C PHE C 111 19.50 19.16 11.06
N SER C 112 19.47 18.16 11.92
CA SER C 112 20.67 17.70 12.62
C SER C 112 20.54 16.21 12.88
N ASP C 113 21.20 15.71 13.92
CA ASP C 113 21.11 14.31 14.25
C ASP C 113 19.85 14.07 15.08
N TYR C 114 19.23 15.15 15.54
CA TYR C 114 18.03 15.05 16.37
C TYR C 114 16.80 15.63 15.68
N ILE C 115 17.04 16.33 14.57
CA ILE C 115 15.97 16.96 13.81
C ILE C 115 16.03 16.51 12.34
N HIS C 116 15.01 15.75 11.93
CA HIS C 116 14.93 15.23 10.57
C HIS C 116 13.46 14.91 10.27
N PRO C 117 12.97 15.29 9.09
CA PRO C 117 11.58 15.05 8.67
C PRO C 117 11.15 13.62 8.41
N VAL C 118 9.88 13.33 8.69
CA VAL C 118 9.32 12.01 8.47
C VAL C 118 8.71 11.99 7.08
N CYS C 119 8.42 10.81 6.59
CA CYS C 119 7.85 10.66 5.28
C CYS C 119 6.34 10.53 5.31
N LEU C 120 5.69 11.07 4.27
CA LEU C 120 4.25 10.95 4.18
C LEU C 120 4.00 9.76 3.25
N PRO C 121 2.98 8.94 3.55
CA PRO C 121 2.66 7.76 2.74
C PRO C 121 2.27 8.09 1.30
N ASP C 122 2.62 7.19 0.39
CA ASP C 122 2.27 7.33 -1.01
C ASP C 122 1.31 6.18 -1.33
N ARG C 123 0.67 6.23 -2.49
CA ARG C 123 -0.28 5.19 -2.89
C ARG C 123 0.22 3.78 -2.60
N GLU C 124 1.43 3.48 -3.02
CA GLU C 124 2.02 2.16 -2.84
C GLU C 124 2.21 1.79 -1.37
N THR C 125 2.89 2.65 -0.62
CA THR C 125 3.14 2.40 0.80
C THR C 125 1.85 2.25 1.60
N ALA C 126 0.87 3.11 1.33
CA ALA C 126 -0.41 3.11 2.03
C ALA C 126 -1.21 1.82 1.82
N ALA C 127 -1.42 1.45 0.56
CA ALA C 127 -2.20 0.26 0.23
C ALA C 127 -1.48 -1.00 0.69
N SER C 128 -0.16 -0.97 0.60
CA SER C 128 0.67 -2.10 0.95
C SER C 128 0.84 -2.33 2.46
N LEU C 129 1.03 -1.25 3.22
CA LEU C 129 1.28 -1.38 4.65
C LEU C 129 0.11 -1.22 5.65
N LEU C 130 -0.91 -0.45 5.30
CA LEU C 130 -2.05 -0.27 6.21
C LEU C 130 -3.00 -1.46 6.19
N GLN C 131 -2.55 -2.57 6.76
CA GLN C 131 -3.36 -3.78 6.82
C GLN C 131 -3.35 -4.28 8.26
N ALA C 132 -4.46 -4.88 8.67
CA ALA C 132 -4.59 -5.41 10.03
C ALA C 132 -3.45 -6.38 10.32
N GLY C 133 -3.00 -6.42 11.58
CA GLY C 133 -1.91 -7.32 11.93
C GLY C 133 -0.55 -6.65 11.87
N TYR C 134 -0.37 -5.78 10.88
CA TYR C 134 0.91 -5.08 10.77
C TYR C 134 0.95 -4.05 11.90
N LYS C 135 2.16 -3.74 12.36
CA LYS C 135 2.25 -2.78 13.45
C LYS C 135 3.12 -1.57 13.18
N GLY C 136 2.70 -0.45 13.78
CA GLY C 136 3.41 0.81 13.65
C GLY C 136 3.99 1.24 14.99
N ARG C 137 4.39 2.50 15.08
CA ARG C 137 4.98 3.03 16.31
C ARG C 137 4.39 4.38 16.73
N VAL C 138 4.08 4.50 18.02
CA VAL C 138 3.52 5.73 18.57
C VAL C 138 4.49 6.31 19.61
N THR C 139 4.74 7.61 19.54
CA THR C 139 5.65 8.26 20.48
C THR C 139 5.03 9.51 21.09
N GLY C 140 5.54 9.91 22.24
CA GLY C 140 5.01 11.09 22.91
C GLY C 140 5.37 11.21 24.39
N TRP C 141 5.06 12.36 24.95
CA TRP C 141 5.35 12.65 26.35
C TRP C 141 4.06 12.66 27.18
N GLY C 142 3.03 11.99 26.69
CA GLY C 142 1.77 11.93 27.40
C GLY C 142 1.86 11.07 28.65
N ASN C 143 0.74 10.97 29.38
CA ASN C 143 0.70 10.19 30.61
C ASN C 143 0.94 8.69 30.46
N LEU C 144 1.52 8.11 31.52
CA LEU C 144 1.86 6.69 31.56
C LEU C 144 0.69 5.81 32.00
N LYS C 145 -0.44 6.43 32.31
CA LYS C 145 -1.65 5.72 32.74
C LYS C 145 -2.82 6.70 32.70
N GLU C 146 -4.05 6.23 32.77
CA GLU C 146 -5.18 7.15 32.72
C GLU C 146 -5.65 7.68 34.07
N GLY C 155 3.22 9.22 36.72
CA GLY C 155 2.17 9.78 35.88
C GLY C 155 2.68 10.34 34.56
N GLN C 156 3.83 10.99 34.61
CA GLN C 156 4.43 11.58 33.41
C GLN C 156 5.85 11.08 33.21
N PRO C 157 6.23 10.77 31.96
CA PRO C 157 7.58 10.30 31.70
C PRO C 157 8.56 11.46 31.73
N SER C 158 9.78 11.21 32.16
CA SER C 158 10.78 12.26 32.22
C SER C 158 11.43 12.39 30.86
N VAL C 159 11.17 11.40 30.00
CA VAL C 159 11.76 11.37 28.67
C VAL C 159 10.79 10.78 27.62
N LEU C 160 11.03 11.06 26.35
CA LEU C 160 10.18 10.57 25.26
C LEU C 160 9.92 9.05 25.35
N GLN C 161 8.66 8.64 25.24
CA GLN C 161 8.29 7.23 25.31
C GLN C 161 8.00 6.61 23.94
N VAL C 162 8.06 5.28 23.85
CA VAL C 162 7.80 4.57 22.60
C VAL C 162 7.10 3.22 22.80
N VAL C 163 6.13 2.92 21.94
CA VAL C 163 5.42 1.65 21.99
C VAL C 163 4.99 1.21 20.59
N ASN C 164 5.13 -0.08 20.29
CA ASN C 164 4.74 -0.61 18.98
C ASN C 164 3.38 -1.27 19.11
N LEU C 165 2.44 -0.86 18.26
CA LEU C 165 1.08 -1.40 18.30
C LEU C 165 0.60 -1.92 16.95
N PRO C 166 -0.13 -3.06 16.96
CA PRO C 166 -0.65 -3.65 15.73
C PRO C 166 -1.95 -2.98 15.28
N ILE C 167 -2.12 -2.87 13.97
CA ILE C 167 -3.32 -2.27 13.39
C ILE C 167 -4.47 -3.24 13.57
N VAL C 168 -5.67 -2.74 13.83
CA VAL C 168 -6.83 -3.59 14.03
C VAL C 168 -7.85 -3.46 12.90
N GLU C 169 -8.54 -4.57 12.61
CA GLU C 169 -9.55 -4.64 11.56
C GLU C 169 -10.77 -3.77 11.81
N ARG C 170 -11.23 -3.09 10.77
CA ARG C 170 -12.39 -2.20 10.84
C ARG C 170 -13.49 -2.70 11.76
N PRO C 171 -13.97 -3.94 11.55
CA PRO C 171 -15.03 -4.50 12.39
C PRO C 171 -14.76 -4.41 13.89
N VAL C 172 -13.63 -4.97 14.32
CA VAL C 172 -13.28 -4.92 15.74
C VAL C 172 -13.22 -3.49 16.27
N CYS C 173 -12.75 -2.56 15.44
CA CYS C 173 -12.69 -1.16 15.84
C CYS C 173 -14.13 -0.66 16.00
N LYS C 174 -14.92 -0.88 14.95
CA LYS C 174 -16.32 -0.47 14.89
C LYS C 174 -17.14 -0.89 16.11
N ASP C 175 -17.04 -2.17 16.47
CA ASP C 175 -17.79 -2.69 17.61
C ASP C 175 -17.07 -2.57 18.96
N SER C 176 -16.17 -1.61 19.07
CA SER C 176 -15.44 -1.38 20.31
C SER C 176 -15.91 -0.05 20.89
N THR C 177 -16.63 0.72 20.08
CA THR C 177 -17.13 2.02 20.49
C THR C 177 -18.51 2.33 19.90
N ARG C 178 -19.23 3.24 20.56
CA ARG C 178 -20.56 3.65 20.12
C ARG C 178 -20.46 4.88 19.23
N ILE C 179 -19.25 5.40 19.06
CA ILE C 179 -19.05 6.57 18.21
C ILE C 179 -19.00 6.14 16.75
N ARG C 180 -19.44 7.02 15.86
CA ARG C 180 -19.45 6.69 14.44
C ARG C 180 -18.06 6.75 13.80
N ILE C 181 -17.43 5.59 13.69
CA ILE C 181 -16.11 5.47 13.08
C ILE C 181 -16.22 5.84 11.60
N THR C 182 -15.18 6.47 11.08
CA THR C 182 -15.15 6.89 9.68
C THR C 182 -13.94 6.26 8.99
N ASP C 183 -13.86 6.39 7.66
CA ASP C 183 -12.73 5.82 6.94
C ASP C 183 -11.52 6.73 7.07
N ASN C 184 -11.75 7.95 7.53
CA ASN C 184 -10.66 8.91 7.73
C ASN C 184 -9.95 8.63 9.04
N MET C 185 -10.05 7.39 9.50
CA MET C 185 -9.41 7.01 10.76
C MET C 185 -9.33 5.50 10.91
N PHE C 186 -8.26 5.02 11.54
CA PHE C 186 -8.07 3.60 11.76
C PHE C 186 -7.78 3.38 13.24
N CYS C 187 -7.76 2.14 13.69
CA CYS C 187 -7.48 1.90 15.10
C CYS C 187 -6.33 0.92 15.25
N ALA C 188 -5.62 1.01 16.37
CA ALA C 188 -4.48 0.14 16.63
C ALA C 188 -4.50 -0.30 18.10
N GLY C 189 -3.75 -1.36 18.40
CA GLY C 189 -3.69 -1.87 19.76
C GLY C 189 -3.93 -3.37 19.81
N TYR C 190 -3.52 -4.00 20.90
CA TYR C 190 -3.69 -5.45 21.07
C TYR C 190 -5.08 -5.81 21.58
N LYS C 191 -5.48 -7.05 21.37
CA LYS C 191 -6.78 -7.49 21.83
C LYS C 191 -6.62 -8.07 23.23
N PRO C 192 -7.72 -8.16 23.99
CA PRO C 192 -7.66 -8.70 25.35
C PRO C 192 -6.96 -10.05 25.41
N ASP C 193 -7.21 -10.86 24.38
CA ASP C 193 -6.65 -12.20 24.30
C ASP C 193 -5.19 -12.29 23.85
N GLU C 194 -4.66 -11.24 23.24
CA GLU C 194 -3.27 -11.26 22.76
C GLU C 194 -2.19 -11.16 23.84
N GLY C 195 -2.59 -10.85 25.06
CA GLY C 195 -1.64 -10.78 26.16
C GLY C 195 -0.49 -9.79 26.05
N LYS C 196 -0.80 -8.56 25.66
CA LYS C 196 0.20 -7.50 25.55
C LYS C 196 -0.56 -6.20 25.62
N ARG C 197 0.06 -5.20 26.22
CA ARG C 197 -0.59 -3.91 26.37
C ARG C 197 0.15 -2.77 25.69
N GLY C 198 -0.49 -1.60 25.63
CA GLY C 198 0.12 -0.44 25.01
C GLY C 198 -0.92 0.45 24.38
N ASP C 199 -0.72 1.76 24.48
CA ASP C 199 -1.65 2.74 23.90
C ASP C 199 -1.13 4.15 24.13
N ALA C 200 -1.78 5.12 23.50
CA ALA C 200 -1.41 6.51 23.68
C ALA C 200 -2.30 6.98 24.82
N CYS C 201 -1.98 8.14 25.40
CA CYS C 201 -2.77 8.67 26.50
C CYS C 201 -2.61 10.18 26.54
N GLU C 202 -3.41 10.82 27.40
CA GLU C 202 -3.40 12.28 27.58
C GLU C 202 -2.02 12.88 27.35
N GLY C 203 -1.92 13.67 26.28
CA GLY C 203 -0.65 14.30 25.95
C GLY C 203 0.06 13.80 24.69
N ASP C 204 -0.31 12.61 24.22
CA ASP C 204 0.30 12.06 23.01
C ASP C 204 -0.49 12.52 21.77
N SER C 205 -1.72 12.95 21.96
CA SER C 205 -2.57 13.40 20.87
C SER C 205 -1.86 14.35 19.97
N GLY C 206 -1.98 14.11 18.67
CA GLY C 206 -1.35 14.97 17.71
C GLY C 206 -0.04 14.38 17.25
N GLY C 207 0.48 13.43 18.05
CA GLY C 207 1.74 12.77 17.73
C GLY C 207 1.62 11.84 16.53
N PRO C 208 2.74 11.34 16.02
CA PRO C 208 2.63 10.46 14.86
C PRO C 208 2.58 8.96 15.12
N PHE C 209 2.02 8.25 14.15
CA PHE C 209 1.93 6.81 14.14
C PHE C 209 2.75 6.51 12.88
N VAL C 210 3.94 5.97 13.05
CA VAL C 210 4.81 5.69 11.92
C VAL C 210 5.02 4.22 11.62
N MET C 211 5.51 3.93 10.42
CA MET C 211 5.78 2.56 10.01
C MET C 211 7.04 2.57 9.17
N LYS C 212 7.90 1.59 9.40
CA LYS C 212 9.13 1.51 8.63
C LYS C 212 8.90 0.61 7.42
N SER C 213 9.17 1.16 6.25
CA SER C 213 9.00 0.45 4.98
C SER C 213 10.00 -0.68 4.77
N PRO C 214 9.51 -1.90 4.49
CA PRO C 214 10.42 -3.03 4.26
C PRO C 214 11.06 -2.91 2.88
N PHE C 215 10.50 -2.06 2.03
CA PHE C 215 11.00 -1.88 0.67
C PHE C 215 12.15 -0.88 0.53
N ASN C 216 12.08 0.25 1.21
CA ASN C 216 13.14 1.24 1.07
C ASN C 216 13.77 1.74 2.36
N ASN C 217 13.47 1.07 3.47
CA ASN C 217 14.07 1.42 4.75
C ASN C 217 13.64 2.80 5.33
N ARG C 218 12.66 3.46 4.71
CA ARG C 218 12.23 4.76 5.20
C ARG C 218 11.00 4.70 6.10
N TRP C 219 10.91 5.64 7.04
CA TRP C 219 9.78 5.70 7.95
C TRP C 219 8.68 6.59 7.40
N TYR C 220 7.43 6.13 7.49
CA TYR C 220 6.29 6.87 6.98
C TYR C 220 5.29 7.12 8.08
N GLN C 221 4.61 8.26 8.04
CA GLN C 221 3.60 8.57 9.04
C GLN C 221 2.22 8.17 8.52
N MET C 222 1.69 7.06 9.01
CA MET C 222 0.39 6.60 8.58
C MET C 222 -0.74 7.30 9.34
N GLY C 223 -0.50 7.64 10.60
CA GLY C 223 -1.54 8.29 11.37
C GLY C 223 -1.13 9.32 12.39
N ILE C 224 -2.13 10.00 12.94
CA ILE C 224 -1.96 11.03 13.96
C ILE C 224 -2.80 10.57 15.14
N VAL C 225 -2.20 10.58 16.34
CA VAL C 225 -2.91 10.18 17.55
C VAL C 225 -4.11 11.12 17.67
N SER C 226 -5.31 10.55 17.56
CA SER C 226 -6.54 11.35 17.63
C SER C 226 -7.36 11.22 18.91
N TRP C 227 -7.91 10.04 19.17
CA TRP C 227 -8.71 9.85 20.38
C TRP C 227 -8.81 8.42 20.85
N GLY C 228 -9.59 8.23 21.92
CA GLY C 228 -9.79 6.91 22.49
C GLY C 228 -10.46 6.97 23.85
N GLU C 229 -11.34 6.02 24.13
CA GLU C 229 -12.04 5.96 25.41
C GLU C 229 -11.12 5.37 26.47
N GLY C 230 -10.61 6.23 27.35
CA GLY C 230 -9.69 5.77 28.38
C GLY C 230 -8.33 5.49 27.78
N CYS C 231 -7.43 4.89 28.55
CA CYS C 231 -6.10 4.57 28.06
C CYS C 231 -5.73 3.12 28.37
N ASP C 232 -5.57 2.32 27.32
CA ASP C 232 -5.17 0.92 27.45
C ASP C 232 -6.16 0.02 28.18
N ARG C 233 -7.45 0.23 27.93
CA ARG C 233 -8.49 -0.57 28.56
C ARG C 233 -8.78 -1.78 27.67
N ASP C 234 -8.99 -2.95 28.28
CA ASP C 234 -9.26 -4.16 27.52
C ASP C 234 -10.50 -4.00 26.66
N GLY C 235 -10.44 -4.54 25.44
CA GLY C 235 -11.58 -4.45 24.53
C GLY C 235 -11.69 -3.06 23.93
N LYS C 236 -10.68 -2.24 24.17
CA LYS C 236 -10.62 -0.87 23.67
C LYS C 236 -9.38 -0.63 22.82
N TYR C 237 -9.50 0.23 21.81
CA TYR C 237 -8.39 0.54 20.92
C TYR C 237 -8.25 2.03 20.66
N GLY C 238 -7.02 2.47 20.37
CA GLY C 238 -6.78 3.86 20.09
C GLY C 238 -7.09 4.17 18.65
N PHE C 239 -7.63 5.37 18.40
CA PHE C 239 -7.97 5.78 17.04
C PHE C 239 -7.02 6.85 16.52
N TYR C 240 -6.62 6.70 15.25
CA TYR C 240 -5.68 7.62 14.62
C TYR C 240 -6.23 8.21 13.33
N THR C 241 -5.85 9.46 13.06
CA THR C 241 -6.28 10.14 11.84
C THR C 241 -5.57 9.53 10.64
N HIS C 242 -6.34 9.04 9.67
CA HIS C 242 -5.78 8.42 8.46
C HIS C 242 -5.12 9.52 7.62
N VAL C 243 -3.81 9.65 7.73
CA VAL C 243 -3.06 10.69 7.01
C VAL C 243 -3.11 10.57 5.49
N PHE C 244 -2.98 9.36 4.96
CA PHE C 244 -3.00 9.16 3.52
C PHE C 244 -4.27 9.69 2.85
N ARG C 245 -5.43 9.31 3.41
CA ARG C 245 -6.72 9.76 2.87
C ARG C 245 -6.86 11.28 2.91
N LEU C 246 -6.11 11.94 3.79
CA LEU C 246 -6.18 13.38 3.90
C LEU C 246 -4.97 14.02 3.24
N LYS C 247 -4.19 13.23 2.52
CA LYS C 247 -3.00 13.77 1.86
C LYS C 247 -3.34 14.76 0.75
N LYS C 248 -4.48 14.56 0.10
CA LYS C 248 -4.90 15.45 -0.98
C LYS C 248 -5.10 16.88 -0.44
N TRP C 249 -5.53 16.98 0.82
CA TRP C 249 -5.74 18.26 1.48
C TRP C 249 -4.39 18.85 1.91
N ILE C 250 -3.57 18.02 2.52
CA ILE C 250 -2.24 18.43 2.97
C ILE C 250 -1.49 19.07 1.83
N GLN C 251 -1.36 18.35 0.71
CA GLN C 251 -0.64 18.86 -0.44
C GLN C 251 -1.22 20.16 -0.97
N LYS C 252 -2.54 20.31 -0.88
CA LYS C 252 -3.21 21.50 -1.36
C LYS C 252 -2.80 22.77 -0.62
N VAL C 253 -2.81 22.73 0.72
CA VAL C 253 -2.44 23.90 1.50
C VAL C 253 -0.94 24.18 1.48
N ILE C 254 -0.13 23.16 1.20
CA ILE C 254 1.32 23.37 1.16
C ILE C 254 1.78 23.98 -0.16
N ASP C 255 1.07 23.66 -1.25
CA ASP C 255 1.42 24.20 -2.56
C ASP C 255 0.96 25.63 -2.70
N GLN C 256 -0.16 25.95 -2.07
CA GLN C 256 -0.75 27.28 -2.13
C GLN C 256 -0.28 28.28 -1.07
N PHE C 257 0.24 27.78 0.04
CA PHE C 257 0.67 28.67 1.12
C PHE C 257 2.14 28.54 1.49
N GLY C 258 2.80 27.49 0.98
CA GLY C 258 4.20 27.28 1.29
C GLY C 258 5.08 28.21 0.48
#